data_5NSJ
#
_entry.id   5NSJ
#
_cell.length_a   128.024
_cell.length_b   128.352
_cell.length_c   45.966
_cell.angle_alpha   90.00
_cell.angle_beta   90.00
_cell.angle_gamma   90.00
#
_symmetry.space_group_name_H-M   'C 2 2 21'
#
loop_
_entity.id
_entity.type
_entity.pdbx_description
1 polymer 'Pre-glycoprotein polyprotein GP complex'
2 branched 2-acetamido-2-deoxy-beta-D-glucopyranose-(1-4)-2-acetamido-2-deoxy-beta-D-glucopyranose
3 branched alpha-D-mannopyranose-(1-4)-2-acetamido-2-deoxy-beta-D-glucopyranose-(1-4)-2-acetamido-2-deoxy-beta-D-glucopyranose
4 non-polymer 'SAMARIUM (III) ION'
5 non-polymer 2-acetamido-2-deoxy-beta-D-glucopyranose
6 water water
#
_entity_poly.entity_id   1
_entity_poly.type   'polypeptide(L)'
_entity_poly.pdbx_seq_one_letter_code
;GSHHHHHHGGLNASYITPYVPMPCMINDTHFLLRGPFEASWAIKLEITDVTTLVVDTDNVANPTNISKCFANNQDERLLG
FTMEWFLSGLEHDHHFTPQIICGNVSKGEVNAQVNITMEDHCSQVFLKMRRIFGVFKNPCTSHGKQNVLISVSNWTNQCS
GNHLSSM
;
_entity_poly.pdbx_strand_id   A,B
#
# COMPACT_ATOMS: atom_id res chain seq x y z
N PRO A 18 20.26 29.29 -8.62
CA PRO A 18 20.50 29.21 -10.08
C PRO A 18 21.46 28.11 -10.51
N TYR A 19 22.11 27.42 -9.57
CA TYR A 19 23.01 26.34 -9.95
C TYR A 19 22.68 25.05 -9.21
N VAL A 20 21.60 25.03 -8.42
CA VAL A 20 21.14 23.93 -7.59
C VAL A 20 20.05 23.10 -8.27
N PRO A 21 19.64 21.93 -7.71
CA PRO A 21 18.60 21.12 -8.37
C PRO A 21 17.30 21.89 -8.53
N MET A 22 16.64 21.71 -9.67
CA MET A 22 15.40 22.44 -9.93
C MET A 22 14.18 21.56 -9.72
N PRO A 23 13.34 21.86 -8.75
CA PRO A 23 12.09 21.10 -8.59
C PRO A 23 11.08 21.44 -9.68
N CYS A 24 10.44 20.40 -10.22
CA CYS A 24 9.31 20.57 -11.12
C CYS A 24 8.18 19.64 -10.76
N MET A 25 6.98 20.22 -10.61
CA MET A 25 5.77 19.47 -10.27
C MET A 25 4.86 19.44 -11.50
N ILE A 26 4.78 18.26 -12.12
CA ILE A 26 3.89 18.07 -13.27
C ILE A 26 2.45 18.08 -12.82
N ASN A 27 2.14 17.33 -11.77
CA ASN A 27 0.83 17.26 -11.16
C ASN A 27 1.03 16.58 -9.82
N ASP A 28 -0.06 16.35 -9.09
CA ASP A 28 0.05 15.78 -7.75
C ASP A 28 0.86 14.48 -7.73
N THR A 29 0.63 13.60 -8.70
CA THR A 29 1.32 12.31 -8.74
C THR A 29 2.77 12.39 -9.26
N HIS A 30 3.05 13.27 -10.22
CA HIS A 30 4.33 13.26 -10.93
C HIS A 30 5.17 14.51 -10.66
N PHE A 31 6.44 14.27 -10.31
CA PHE A 31 7.41 15.30 -9.94
C PHE A 31 8.75 15.03 -10.64
N LEU A 32 9.44 16.12 -11.00
CA LEU A 32 10.79 16.05 -11.56
C LEU A 32 11.75 16.90 -10.74
N LEU A 33 12.99 16.43 -10.63
CA LEU A 33 14.02 17.20 -9.95
C LEU A 33 15.20 17.32 -10.90
N ARG A 34 15.38 18.49 -11.50
CA ARG A 34 16.42 18.63 -12.51
C ARG A 34 17.80 18.60 -11.84
N GLY A 35 18.76 18.01 -12.52
CA GLY A 35 20.11 17.97 -12.00
C GLY A 35 20.73 19.35 -11.99
N PRO A 36 21.82 19.49 -11.23
CA PRO A 36 22.52 20.77 -11.16
C PRO A 36 23.14 21.17 -12.49
N PHE A 37 23.36 22.48 -12.63
CA PHE A 37 23.98 23.04 -13.82
C PHE A 37 23.19 22.72 -15.09
N GLU A 38 21.88 22.89 -15.01
CA GLU A 38 21.00 22.67 -16.15
C GLU A 38 21.23 21.27 -16.72
N ALA A 39 21.22 20.28 -15.84
CA ALA A 39 21.48 18.91 -16.25
C ALA A 39 20.42 18.44 -17.24
N SER A 40 20.84 17.60 -18.18
CA SER A 40 19.94 16.96 -19.14
C SER A 40 19.08 15.88 -18.52
N TRP A 41 19.22 15.63 -17.23
CA TRP A 41 18.49 14.57 -16.55
C TRP A 41 17.74 15.14 -15.35
N ALA A 42 16.84 14.33 -14.83
CA ALA A 42 16.04 14.70 -13.69
C ALA A 42 15.62 13.43 -12.96
N ILE A 43 15.65 13.47 -11.63
CA ILE A 43 15.12 12.38 -10.83
C ILE A 43 13.61 12.46 -10.83
N LYS A 44 12.96 11.41 -11.33
CA LYS A 44 11.51 11.36 -11.40
C LYS A 44 10.91 10.63 -10.22
N LEU A 45 9.85 11.21 -9.65
CA LEU A 45 9.16 10.66 -8.50
C LEU A 45 7.69 10.50 -8.87
N GLU A 46 7.16 9.28 -8.77
CA GLU A 46 5.74 9.06 -9.01
C GLU A 46 5.13 8.48 -7.75
N ILE A 47 4.03 9.06 -7.33
CA ILE A 47 3.25 8.51 -6.22
C ILE A 47 2.18 7.61 -6.82
N THR A 48 2.21 6.33 -6.46
CA THR A 48 1.31 5.36 -7.04
C THR A 48 1.02 4.28 -6.04
N ASP A 49 -0.09 3.58 -6.26
CA ASP A 49 -0.49 2.47 -5.41
C ASP A 49 -0.12 1.12 -5.99
N VAL A 50 0.75 1.10 -7.00
CA VAL A 50 1.16 -0.12 -7.69
C VAL A 50 2.57 -0.48 -7.23
N THR A 51 2.80 -1.76 -6.96
CA THR A 51 4.13 -2.23 -6.63
C THR A 51 4.69 -3.02 -7.80
N THR A 52 5.88 -2.64 -8.23
CA THR A 52 6.57 -3.28 -9.34
C THR A 52 7.83 -4.00 -8.91
N LEU A 53 8.22 -3.90 -7.65
CA LEU A 53 9.47 -4.51 -7.19
C LEU A 53 9.19 -5.40 -5.99
N VAL A 54 10.10 -6.35 -5.78
CA VAL A 54 9.98 -7.36 -4.73
C VAL A 54 11.32 -7.52 -4.03
N VAL A 55 11.26 -7.95 -2.77
CA VAL A 55 12.45 -8.08 -1.93
C VAL A 55 13.37 -9.19 -2.43
N ASP A 56 14.68 -8.92 -2.42
CA ASP A 56 15.72 -9.88 -2.73
C ASP A 56 16.86 -9.69 -1.73
N THR A 57 17.87 -10.56 -1.83
CA THR A 57 18.99 -10.52 -0.90
C THR A 57 19.72 -9.18 -1.00
N ASP A 58 19.94 -8.71 -2.22
CA ASP A 58 20.81 -7.57 -2.43
C ASP A 58 20.07 -6.32 -2.89
N ASN A 59 18.76 -6.41 -3.17
CA ASN A 59 18.05 -5.27 -3.74
C ASN A 59 17.53 -4.30 -2.68
N VAL A 60 17.40 -4.72 -1.43
CA VAL A 60 16.85 -3.86 -0.39
C VAL A 60 17.90 -2.90 0.13
N ALA A 61 17.53 -1.62 0.19
CA ALA A 61 18.39 -0.54 0.67
C ALA A 61 17.62 0.26 1.72
N ASN A 62 18.26 1.30 2.24
CA ASN A 62 17.62 2.16 3.23
C ASN A 62 18.01 3.60 2.91
N PRO A 63 17.50 4.61 3.62
CA PRO A 63 17.89 5.99 3.27
C PRO A 63 19.38 6.26 3.36
N THR A 64 20.13 5.54 4.17
CA THR A 64 21.57 5.74 4.11
C THR A 64 22.16 5.00 2.92
N ASN A 65 21.72 3.75 2.69
CA ASN A 65 22.02 2.93 1.50
C ASN A 65 21.49 3.52 0.20
N ILE A 66 20.63 4.54 0.26
CA ILE A 66 19.86 4.96 -0.92
C ILE A 66 20.76 5.29 -2.11
N SER A 67 21.94 5.88 -1.86
CA SER A 67 22.83 6.27 -2.96
C SER A 67 23.21 5.07 -3.82
N LYS A 68 23.24 3.88 -3.22
CA LYS A 68 23.62 2.66 -3.93
C LYS A 68 22.67 2.31 -5.08
N CYS A 69 21.37 2.61 -4.96
CA CYS A 69 20.43 2.20 -6.01
C CYS A 69 20.75 2.78 -7.37
N PHE A 70 21.26 4.02 -7.42
CA PHE A 70 21.61 4.71 -8.66
C PHE A 70 23.07 4.51 -9.09
N ALA A 71 23.39 3.29 -9.52
CA ALA A 71 24.73 2.93 -9.97
C ALA A 71 24.85 2.77 -11.49
N ASN A 72 23.76 2.97 -12.24
CA ASN A 72 23.82 2.66 -13.66
C ASN A 72 24.74 3.60 -14.43
N ASN A 73 24.67 4.90 -14.20
CA ASN A 73 25.28 5.84 -15.14
C ASN A 73 26.42 6.61 -14.53
N GLN A 74 27.58 6.48 -15.14
CA GLN A 74 28.77 7.24 -14.81
C GLN A 74 28.78 8.61 -15.50
N ASP A 75 28.05 8.73 -16.60
CA ASP A 75 28.04 9.97 -17.36
C ASP A 75 27.54 11.14 -16.53
N GLU A 76 26.50 10.93 -15.76
CA GLU A 76 25.90 11.93 -14.89
C GLU A 76 26.19 11.54 -13.46
N ARG A 77 27.29 12.10 -12.96
CA ARG A 77 27.84 11.76 -11.65
C ARG A 77 27.15 12.52 -10.53
N LEU A 78 26.44 13.60 -10.83
CA LEU A 78 25.82 14.39 -9.79
C LEU A 78 24.50 13.82 -9.33
N LEU A 79 24.14 12.63 -9.80
CA LEU A 79 22.87 12.03 -9.41
C LEU A 79 22.84 11.64 -7.93
N GLY A 80 23.91 11.03 -7.42
CA GLY A 80 23.93 10.63 -6.02
C GLY A 80 23.88 11.82 -5.07
N PHE A 81 24.59 12.89 -5.40
CA PHE A 81 24.48 14.12 -4.62
C PHE A 81 23.06 14.64 -4.59
N THR A 82 22.41 14.63 -5.75
CA THR A 82 21.05 15.16 -5.83
C THR A 82 20.12 14.39 -4.91
N MET A 83 20.44 13.14 -4.64
CA MET A 83 19.64 12.33 -3.74
C MET A 83 19.88 12.67 -2.27
N GLU A 84 21.15 12.75 -1.85
CA GLU A 84 21.42 13.15 -0.47
C GLU A 84 20.87 14.53 -0.18
N TRP A 85 20.97 15.44 -1.17
CA TRP A 85 20.29 16.73 -1.07
C TRP A 85 18.80 16.53 -0.86
N PHE A 86 18.20 15.62 -1.62
CA PHE A 86 16.77 15.39 -1.55
C PHE A 86 16.32 14.77 -0.23
N LEU A 87 17.13 13.88 0.37
CA LEU A 87 16.68 13.25 1.60
C LEU A 87 16.61 14.21 2.78
N SER A 88 17.26 15.36 2.68
CA SER A 88 17.07 16.42 3.67
C SER A 88 17.48 15.93 5.05
N GLY A 89 18.52 15.10 5.10
CA GLY A 89 18.97 14.58 6.38
C GLY A 89 18.00 13.61 7.01
N LEU A 90 17.04 13.08 6.25
CA LEU A 90 16.14 12.10 6.80
C LEU A 90 16.76 10.72 6.98
N GLU A 91 17.89 10.45 6.33
CA GLU A 91 18.59 9.20 6.62
C GLU A 91 19.17 9.21 8.02
N HIS A 92 19.27 10.39 8.64
CA HIS A 92 19.72 10.53 10.01
C HIS A 92 18.58 10.37 11.00
N ASP A 93 17.33 10.37 10.52
CA ASP A 93 16.15 10.11 11.33
C ASP A 93 15.87 8.60 11.28
N HIS A 94 16.35 7.88 12.28
CA HIS A 94 16.13 6.43 12.28
C HIS A 94 14.70 6.06 12.62
N HIS A 95 13.82 7.03 12.80
CA HIS A 95 12.41 6.69 12.87
C HIS A 95 11.77 6.76 11.50
N PHE A 96 12.44 7.38 10.55
CA PHE A 96 12.05 7.33 9.15
C PHE A 96 12.60 6.05 8.56
N THR A 97 11.75 5.01 8.46
CA THR A 97 12.20 3.70 7.96
C THR A 97 11.18 3.09 6.99
N PRO A 98 10.88 3.74 5.87
CA PRO A 98 10.03 3.10 4.87
C PRO A 98 10.78 2.01 4.13
N GLN A 99 10.05 1.03 3.59
CA GLN A 99 10.70 0.00 2.81
C GLN A 99 11.19 0.59 1.50
N ILE A 100 12.47 0.42 1.21
CA ILE A 100 13.04 0.85 -0.06
C ILE A 100 13.61 -0.37 -0.76
N ILE A 101 13.27 -0.53 -2.03
CA ILE A 101 13.71 -1.67 -2.81
C ILE A 101 14.36 -1.14 -4.07
N CYS A 102 15.63 -1.46 -4.28
CA CYS A 102 16.29 -1.06 -5.50
C CYS A 102 15.77 -1.88 -6.67
N GLY A 103 15.74 -1.28 -7.85
CA GLY A 103 15.27 -1.95 -9.05
C GLY A 103 16.41 -2.22 -10.01
N ASN A 104 16.25 -3.27 -10.81
CA ASN A 104 17.27 -3.69 -11.77
C ASN A 104 16.98 -3.02 -13.10
N VAL A 105 17.67 -1.91 -13.36
CA VAL A 105 17.38 -1.14 -14.57
C VAL A 105 17.66 -1.98 -15.81
N SER A 106 18.58 -2.94 -15.71
CA SER A 106 18.89 -3.78 -16.86
C SER A 106 17.66 -4.54 -17.33
N LYS A 107 16.75 -4.85 -16.42
CA LYS A 107 15.51 -5.52 -16.75
C LYS A 107 14.31 -4.58 -16.71
N GLY A 108 14.53 -3.31 -17.08
CA GLY A 108 13.46 -2.38 -17.40
C GLY A 108 12.58 -1.94 -16.24
N GLU A 109 13.12 -1.90 -15.03
CA GLU A 109 12.35 -1.48 -13.87
C GLU A 109 12.95 -0.26 -13.23
N VAL A 110 12.12 0.44 -12.43
CA VAL A 110 12.53 1.71 -11.84
C VAL A 110 13.71 1.49 -10.89
N ASN A 111 14.38 2.59 -10.55
CA ASN A 111 15.57 2.53 -9.70
C ASN A 111 15.24 2.13 -8.28
N ALA A 112 14.08 2.58 -7.76
CA ALA A 112 13.70 2.28 -6.39
C ALA A 112 12.20 2.48 -6.21
N GLN A 113 11.59 1.66 -5.36
CA GLN A 113 10.24 1.96 -4.90
C GLN A 113 10.26 2.09 -3.39
N VAL A 114 9.63 3.14 -2.89
CA VAL A 114 9.56 3.40 -1.45
C VAL A 114 8.11 3.22 -1.04
N ASN A 115 7.86 2.30 -0.12
CA ASN A 115 6.51 2.12 0.38
C ASN A 115 6.24 3.20 1.42
N ILE A 116 5.34 4.11 1.08
CA ILE A 116 4.97 5.19 1.99
C ILE A 116 3.56 4.98 2.55
N THR A 117 3.15 3.72 2.68
CA THR A 117 1.83 3.46 3.22
C THR A 117 1.75 3.87 4.69
N MET A 118 2.81 3.64 5.47
CA MET A 118 2.76 3.99 6.87
C MET A 118 2.56 5.49 7.05
N GLU A 119 1.68 5.85 7.99
CA GLU A 119 1.21 7.21 8.07
C GLU A 119 2.29 8.18 8.52
N ASP A 120 3.09 7.82 9.54
CA ASP A 120 4.10 8.77 9.95
C ASP A 120 5.19 8.90 8.91
N HIS A 121 5.51 7.83 8.16
CA HIS A 121 6.47 8.00 7.08
C HIS A 121 5.88 8.87 5.98
N CYS A 122 4.60 8.67 5.70
CA CYS A 122 3.95 9.42 4.64
C CYS A 122 3.88 10.91 4.97
N SER A 123 3.46 11.25 6.19
CA SER A 123 3.42 12.65 6.58
C SER A 123 4.81 13.25 6.64
N GLN A 124 5.82 12.42 6.87
CA GLN A 124 7.17 12.95 6.93
C GLN A 124 7.74 13.11 5.54
N VAL A 125 7.26 12.29 4.59
CA VAL A 125 7.63 12.46 3.19
C VAL A 125 6.92 13.65 2.56
N PHE A 126 5.63 13.81 2.85
CA PHE A 126 4.89 14.95 2.32
C PHE A 126 5.46 16.27 2.80
N LEU A 127 5.73 16.38 4.09
CA LEU A 127 6.29 17.61 4.62
C LEU A 127 7.57 17.99 3.92
N LYS A 128 8.40 17.00 3.58
CA LYS A 128 9.64 17.31 2.87
C LYS A 128 9.35 17.69 1.43
N MET A 129 8.43 16.98 0.79
CA MET A 129 8.12 17.32 -0.59
C MET A 129 7.28 18.58 -0.69
N ARG A 130 6.54 18.93 0.36
CA ARG A 130 5.79 20.17 0.28
C ARG A 130 6.71 21.38 0.27
N ARG A 131 7.71 21.41 1.16
CA ARG A 131 8.62 22.54 1.16
C ARG A 131 9.46 22.58 -0.11
N ILE A 132 9.70 21.42 -0.72
CA ILE A 132 10.52 21.37 -1.92
C ILE A 132 9.70 21.73 -3.16
N PHE A 133 8.58 21.05 -3.37
CA PHE A 133 7.86 21.21 -4.63
C PHE A 133 6.76 22.25 -4.56
N GLY A 134 6.35 22.64 -3.36
CA GLY A 134 5.21 23.50 -3.19
C GLY A 134 4.00 22.70 -2.74
N VAL A 135 2.89 23.42 -2.60
CA VAL A 135 1.68 22.78 -2.10
C VAL A 135 1.07 21.89 -3.18
N PHE A 136 0.63 20.71 -2.76
CA PHE A 136 -0.06 19.76 -3.63
C PHE A 136 -0.83 18.84 -2.72
N LYS A 137 -1.65 17.99 -3.33
CA LYS A 137 -2.58 17.16 -2.57
C LYS A 137 -1.84 16.16 -1.69
N ASN A 138 -2.23 16.08 -0.42
CA ASN A 138 -1.57 15.22 0.56
C ASN A 138 -1.88 13.74 0.32
N PRO A 139 -0.91 12.94 -0.14
CA PRO A 139 -1.22 11.55 -0.47
C PRO A 139 -1.51 10.68 0.71
N CYS A 140 -1.25 11.18 1.91
CA CYS A 140 -1.42 10.37 3.12
C CYS A 140 -2.89 10.19 3.43
N THR A 141 -3.74 11.02 2.84
CA THR A 141 -5.18 10.83 2.94
C THR A 141 -5.63 9.60 2.16
N SER A 142 -4.87 9.20 1.14
CA SER A 142 -5.17 7.97 0.42
C SER A 142 -5.07 6.78 1.36
N HIS A 143 -5.76 5.71 0.98
CA HIS A 143 -5.96 4.56 1.85
C HIS A 143 -5.33 3.34 1.21
N GLY A 144 -4.85 2.44 2.03
CA GLY A 144 -4.24 1.28 1.48
C GLY A 144 -2.85 1.58 0.98
N LYS A 145 -2.36 0.66 0.16
CA LYS A 145 -0.97 0.66 -0.26
C LYS A 145 -0.68 1.84 -1.18
N GLN A 146 0.44 2.50 -0.93
CA GLN A 146 0.91 3.49 -1.88
C GLN A 146 2.41 3.68 -1.73
N ASN A 147 3.06 3.91 -2.88
CA ASN A 147 4.50 3.91 -3.03
C ASN A 147 4.93 5.21 -3.67
N VAL A 148 6.21 5.52 -3.54
CA VAL A 148 6.87 6.51 -4.38
C VAL A 148 7.84 5.75 -5.27
N LEU A 149 7.68 5.90 -6.58
CA LEU A 149 8.58 5.27 -7.54
C LEU A 149 9.61 6.29 -7.99
N ILE A 150 10.86 5.86 -8.05
CA ILE A 150 11.96 6.76 -8.33
C ILE A 150 12.76 6.22 -9.50
N SER A 151 12.92 7.04 -10.53
CA SER A 151 13.68 6.66 -11.70
C SER A 151 14.32 7.92 -12.29
N VAL A 152 15.09 7.74 -13.35
CA VAL A 152 15.79 8.84 -14.00
C VAL A 152 15.20 9.06 -15.39
N SER A 153 15.08 10.32 -15.80
CA SER A 153 14.49 10.67 -17.08
C SER A 153 15.23 11.87 -17.66
N ASN A 154 14.96 12.16 -18.93
CA ASN A 154 15.49 13.35 -19.54
C ASN A 154 14.69 14.57 -19.08
N TRP A 155 15.36 15.73 -19.06
CA TRP A 155 14.69 16.98 -18.74
C TRP A 155 14.23 17.61 -20.04
N THR A 156 12.93 17.85 -20.16
CA THR A 156 12.38 18.43 -21.38
C THR A 156 11.70 19.78 -21.15
N ASN A 157 12.05 20.51 -20.09
CA ASN A 157 11.53 21.87 -19.88
C ASN A 157 10.02 21.83 -19.71
N GLN A 158 9.55 20.84 -18.96
CA GLN A 158 8.13 20.63 -18.74
C GLN A 158 7.54 21.69 -17.81
N CYS A 159 8.32 22.16 -16.84
CA CYS A 159 7.91 23.30 -16.02
C CYS A 159 8.57 24.60 -16.45
N PRO B 18 -28.27 4.77 6.97
CA PRO B 18 -27.72 5.77 6.04
C PRO B 18 -26.33 6.29 6.44
N TYR B 19 -25.89 5.92 7.64
CA TYR B 19 -24.57 6.30 8.13
C TYR B 19 -23.72 5.13 8.61
N VAL B 20 -24.20 3.90 8.46
CA VAL B 20 -23.49 2.69 8.85
C VAL B 20 -22.81 2.18 7.58
N PRO B 21 -21.96 1.15 7.62
CA PRO B 21 -21.29 0.71 6.39
C PRO B 21 -22.27 0.31 5.30
N MET B 22 -21.92 0.68 4.05
CA MET B 22 -22.74 0.35 2.89
C MET B 22 -22.11 -0.80 2.13
N PRO B 23 -22.79 -1.94 2.00
CA PRO B 23 -22.24 -3.04 1.22
C PRO B 23 -22.27 -2.70 -0.26
N CYS B 24 -21.17 -2.98 -0.94
CA CYS B 24 -21.10 -2.86 -2.38
C CYS B 24 -20.46 -4.12 -2.95
N MET B 25 -21.12 -4.76 -3.90
CA MET B 25 -20.59 -5.96 -4.53
C MET B 25 -20.21 -5.62 -5.95
N ILE B 26 -18.90 -5.58 -6.21
CA ILE B 26 -18.39 -5.33 -7.55
C ILE B 26 -18.65 -6.53 -8.46
N ASN B 27 -18.32 -7.71 -7.97
CA ASN B 27 -18.60 -8.94 -8.69
C ASN B 27 -18.44 -10.08 -7.69
N ASP B 28 -18.65 -11.31 -8.16
CA ASP B 28 -18.65 -12.45 -7.26
C ASP B 28 -17.37 -12.54 -6.40
N THR B 29 -16.19 -12.31 -6.99
CA THR B 29 -14.96 -12.41 -6.19
C THR B 29 -14.68 -11.16 -5.36
N HIS B 30 -15.03 -9.98 -5.86
CA HIS B 30 -14.59 -8.73 -5.22
C HIS B 30 -15.76 -7.93 -4.67
N PHE B 31 -15.64 -7.54 -3.39
CA PHE B 31 -16.63 -6.78 -2.65
C PHE B 31 -15.92 -5.65 -1.91
N LEU B 32 -16.62 -4.54 -1.76
CA LEU B 32 -16.16 -3.42 -0.96
C LEU B 32 -17.19 -3.10 0.12
N LEU B 33 -16.71 -2.71 1.29
CA LEU B 33 -17.59 -2.30 2.38
C LEU B 33 -17.15 -0.92 2.83
N ARG B 34 -17.90 0.11 2.46
CA ARG B 34 -17.50 1.48 2.76
C ARG B 34 -17.68 1.76 4.24
N GLY B 35 -16.81 2.60 4.77
CA GLY B 35 -16.91 2.97 6.16
C GLY B 35 -18.12 3.82 6.46
N PRO B 36 -18.48 3.91 7.74
CA PRO B 36 -19.62 4.74 8.14
C PRO B 36 -19.36 6.22 7.86
N PHE B 37 -20.49 6.96 7.77
CA PHE B 37 -20.49 8.40 7.51
C PHE B 37 -19.84 8.74 6.19
N GLU B 38 -20.15 7.95 5.15
CA GLU B 38 -19.62 8.16 3.81
C GLU B 38 -18.11 8.31 3.83
N ALA B 39 -17.46 7.37 4.52
CA ALA B 39 -16.01 7.44 4.63
C ALA B 39 -15.40 7.37 3.24
N SER B 40 -14.28 8.05 3.08
CA SER B 40 -13.51 8.02 1.84
C SER B 40 -12.80 6.69 1.63
N TRP B 41 -12.97 5.74 2.53
CA TRP B 41 -12.32 4.44 2.46
C TRP B 41 -13.35 3.33 2.50
N ALA B 42 -12.88 2.14 2.17
CA ALA B 42 -13.71 0.94 2.15
C ALA B 42 -12.82 -0.26 2.35
N ILE B 43 -13.31 -1.23 3.11
CA ILE B 43 -12.64 -2.51 3.27
C ILE B 43 -12.83 -3.32 2.00
N LYS B 44 -11.73 -3.73 1.36
CA LYS B 44 -11.82 -4.52 0.16
C LYS B 44 -11.74 -6.00 0.50
N LEU B 45 -12.61 -6.80 -0.12
CA LEU B 45 -12.70 -8.23 0.09
C LEU B 45 -12.54 -8.94 -1.25
N GLU B 46 -11.55 -9.81 -1.37
CA GLU B 46 -11.38 -10.60 -2.58
C GLU B 46 -11.46 -12.07 -2.23
N ILE B 47 -12.27 -12.81 -2.97
CA ILE B 47 -12.31 -14.26 -2.89
C ILE B 47 -11.40 -14.77 -3.99
N THR B 48 -10.39 -15.54 -3.61
CA THR B 48 -9.40 -15.98 -4.57
C THR B 48 -8.86 -17.35 -4.19
N ASP B 49 -8.40 -18.07 -5.20
CA ASP B 49 -7.76 -19.37 -5.00
C ASP B 49 -6.27 -19.22 -4.74
N VAL B 50 -5.78 -17.99 -4.57
CA VAL B 50 -4.37 -17.68 -4.42
C VAL B 50 -4.05 -17.45 -2.95
N THR B 51 -2.93 -17.99 -2.49
CA THR B 51 -2.43 -17.75 -1.14
C THR B 51 -1.21 -16.84 -1.20
N THR B 52 -1.25 -15.74 -0.45
CA THR B 52 -0.13 -14.82 -0.44
C THR B 52 0.58 -14.68 0.90
N LEU B 53 0.10 -15.27 1.98
CA LEU B 53 0.74 -15.07 3.28
C LEU B 53 1.06 -16.40 3.93
N VAL B 54 2.04 -16.35 4.84
CA VAL B 54 2.60 -17.50 5.52
C VAL B 54 2.79 -17.19 6.99
N VAL B 55 2.83 -18.25 7.80
CA VAL B 55 2.93 -18.09 9.25
C VAL B 55 4.27 -17.47 9.62
N ASP B 56 4.23 -16.55 10.59
CA ASP B 56 5.37 -15.87 11.16
C ASP B 56 5.16 -15.85 12.67
N THR B 57 6.11 -15.29 13.42
CA THR B 57 5.99 -15.34 14.87
C THR B 57 4.73 -14.64 15.38
N ASP B 58 4.45 -13.43 14.89
CA ASP B 58 3.38 -12.62 15.46
C ASP B 58 2.19 -12.40 14.54
N ASN B 59 2.26 -12.86 13.29
CA ASN B 59 1.26 -12.48 12.31
C ASN B 59 -0.03 -13.31 12.34
N VAL B 60 -0.05 -14.47 12.95
CA VAL B 60 -1.27 -15.27 12.90
C VAL B 60 -2.27 -14.72 13.92
N ALA B 61 -3.49 -14.47 13.46
CA ALA B 61 -4.57 -13.91 14.25
C ALA B 61 -5.80 -14.79 14.11
N ASN B 62 -6.85 -14.38 14.78
CA ASN B 62 -8.10 -15.13 14.79
C ASN B 62 -9.30 -14.18 14.69
N PRO B 63 -10.53 -14.68 14.62
CA PRO B 63 -11.68 -13.76 14.51
C PRO B 63 -11.84 -12.74 15.65
N THR B 64 -11.35 -12.99 16.86
CA THR B 64 -11.41 -11.93 17.87
C THR B 64 -10.26 -10.93 17.72
N ASN B 65 -9.04 -11.41 17.48
CA ASN B 65 -7.88 -10.59 17.13
C ASN B 65 -7.95 -9.86 15.79
N ILE B 66 -8.87 -10.18 14.89
CA ILE B 66 -8.74 -9.70 13.51
C ILE B 66 -8.59 -8.18 13.44
N SER B 67 -9.27 -7.44 14.32
CA SER B 67 -9.17 -5.98 14.24
C SER B 67 -7.73 -5.51 14.35
N LYS B 68 -6.89 -6.27 15.06
CA LYS B 68 -5.49 -5.89 15.19
C LYS B 68 -4.79 -5.83 13.83
N CYS B 69 -5.25 -6.63 12.85
CA CYS B 69 -4.58 -6.65 11.55
C CYS B 69 -4.56 -5.26 10.92
N PHE B 70 -5.57 -4.45 11.20
CA PHE B 70 -5.63 -3.05 10.74
C PHE B 70 -5.03 -2.11 11.78
N ALA B 71 -3.71 -2.21 11.97
CA ALA B 71 -3.01 -1.37 12.93
C ALA B 71 -2.17 -0.26 12.27
N ASN B 72 -2.12 -0.18 10.95
CA ASN B 72 -1.28 0.83 10.32
C ASN B 72 -1.79 2.23 10.55
N ASN B 73 -3.09 2.45 10.38
CA ASN B 73 -3.63 3.78 10.20
C ASN B 73 -4.58 4.20 11.33
N GLN B 74 -4.21 5.30 11.99
CA GLN B 74 -5.05 5.95 12.98
C GLN B 74 -6.02 6.93 12.36
N ASP B 75 -5.73 7.38 11.14
CA ASP B 75 -6.54 8.39 10.47
C ASP B 75 -8.00 7.95 10.37
N GLU B 76 -8.24 6.68 10.05
CA GLU B 76 -9.60 6.12 9.97
C GLU B 76 -9.81 5.12 11.10
N ARG B 77 -10.36 5.61 12.21
CA ARG B 77 -10.45 4.81 13.42
C ARG B 77 -11.61 3.86 13.44
N LEU B 78 -12.60 4.05 12.58
CA LEU B 78 -13.79 3.22 12.55
C LEU B 78 -13.58 1.91 11.79
N LEU B 79 -12.34 1.58 11.43
CA LEU B 79 -12.08 0.31 10.75
C LEU B 79 -12.41 -0.87 11.66
N GLY B 80 -12.01 -0.79 12.92
CA GLY B 80 -12.29 -1.88 13.83
C GLY B 80 -13.78 -2.08 14.02
N PHE B 81 -14.54 -0.99 14.13
CA PHE B 81 -15.99 -1.13 14.15
C PHE B 81 -16.51 -1.77 12.89
N THR B 82 -16.02 -1.31 11.74
CA THR B 82 -16.52 -1.84 10.48
C THR B 82 -16.19 -3.31 10.33
N MET B 83 -15.10 -3.75 10.94
CA MET B 83 -14.73 -5.16 10.85
C MET B 83 -15.60 -5.99 11.80
N GLU B 84 -15.72 -5.55 13.05
CA GLU B 84 -16.59 -6.22 14.00
C GLU B 84 -18.02 -6.24 13.49
N TRP B 85 -18.46 -5.15 12.88
CA TRP B 85 -19.76 -5.11 12.22
C TRP B 85 -19.87 -6.24 11.21
N PHE B 86 -18.83 -6.40 10.40
CA PHE B 86 -18.84 -7.41 9.36
C PHE B 86 -18.80 -8.82 9.93
N LEU B 87 -18.08 -9.02 11.03
CA LEU B 87 -17.99 -10.38 11.55
C LEU B 87 -19.31 -10.88 12.12
N SER B 88 -20.24 -9.99 12.45
CA SER B 88 -21.61 -10.40 12.77
C SER B 88 -21.68 -11.36 13.96
N GLY B 89 -20.84 -11.14 14.97
CA GLY B 89 -20.88 -11.99 16.14
C GLY B 89 -20.38 -13.39 15.93
N LEU B 90 -19.69 -13.63 14.81
CA LEU B 90 -19.09 -14.94 14.56
C LEU B 90 -17.85 -15.19 15.40
N GLU B 91 -17.28 -14.14 16.00
CA GLU B 91 -16.17 -14.33 16.93
C GLU B 91 -16.60 -15.07 18.20
N HIS B 92 -17.91 -15.15 18.47
CA HIS B 92 -18.43 -15.90 19.58
C HIS B 92 -18.64 -17.37 19.23
N ASP B 93 -18.52 -17.72 17.96
CA ASP B 93 -18.56 -19.10 17.49
C ASP B 93 -17.12 -19.63 17.49
N HIS B 94 -16.75 -20.30 18.59
CA HIS B 94 -15.40 -20.84 18.71
C HIS B 94 -15.16 -22.08 17.86
N HIS B 95 -16.16 -22.53 17.10
CA HIS B 95 -15.96 -23.49 16.04
C HIS B 95 -15.77 -22.83 14.68
N PHE B 96 -16.06 -21.54 14.55
CA PHE B 96 -15.64 -20.81 13.35
C PHE B 96 -14.21 -20.40 13.59
N THR B 97 -13.27 -21.19 13.07
CA THR B 97 -11.83 -20.97 13.30
C THR B 97 -11.02 -21.11 12.03
N PRO B 98 -11.24 -20.26 11.04
CA PRO B 98 -10.35 -20.28 9.87
C PRO B 98 -8.99 -19.70 10.21
N GLN B 99 -7.98 -20.12 9.46
CA GLN B 99 -6.65 -19.56 9.66
C GLN B 99 -6.65 -18.11 9.18
N ILE B 100 -6.25 -17.20 10.04
CA ILE B 100 -6.10 -15.80 9.67
C ILE B 100 -4.66 -15.40 9.96
N ILE B 101 -4.03 -14.75 8.99
CA ILE B 101 -2.66 -14.29 9.09
C ILE B 101 -2.67 -12.81 8.75
N CYS B 102 -2.24 -11.97 9.70
CA CYS B 102 -2.14 -10.55 9.41
C CYS B 102 -0.97 -10.29 8.47
N GLY B 103 -1.12 -9.26 7.63
CA GLY B 103 -0.10 -8.87 6.68
C GLY B 103 0.53 -7.54 7.06
N ASN B 104 1.79 -7.38 6.67
CA ASN B 104 2.58 -6.18 6.97
C ASN B 104 2.43 -5.19 5.83
N VAL B 105 1.55 -4.22 6.03
CA VAL B 105 1.24 -3.25 4.99
C VAL B 105 2.47 -2.42 4.63
N SER B 106 3.38 -2.22 5.58
CA SER B 106 4.58 -1.42 5.31
C SER B 106 5.40 -2.04 4.19
N LYS B 107 5.40 -3.35 4.08
CA LYS B 107 6.08 -4.04 2.98
C LYS B 107 5.08 -4.57 1.97
N GLY B 108 3.99 -3.82 1.77
CA GLY B 108 3.09 -3.95 0.65
C GLY B 108 2.23 -5.20 0.56
N GLU B 109 1.84 -5.78 1.68
CA GLU B 109 0.95 -6.94 1.61
C GLU B 109 -0.34 -6.61 2.34
N VAL B 110 -1.39 -7.34 1.97
CA VAL B 110 -2.73 -7.03 2.46
C VAL B 110 -2.83 -7.17 3.98
N ASN B 111 -3.90 -6.59 4.54
CA ASN B 111 -4.07 -6.56 5.99
C ASN B 111 -4.32 -7.96 6.54
N ALA B 112 -5.06 -8.79 5.81
CA ALA B 112 -5.33 -10.12 6.32
C ALA B 112 -5.76 -11.02 5.17
N GLN B 113 -5.39 -12.29 5.24
CA GLN B 113 -5.95 -13.31 4.36
C GLN B 113 -6.63 -14.35 5.24
N VAL B 114 -7.83 -14.74 4.85
CA VAL B 114 -8.59 -15.74 5.58
C VAL B 114 -8.69 -16.98 4.71
N ASN B 115 -8.18 -18.10 5.23
CA ASN B 115 -8.28 -19.37 4.52
C ASN B 115 -9.68 -19.95 4.76
N ILE B 116 -10.48 -19.97 3.70
CA ILE B 116 -11.82 -20.53 3.81
C ILE B 116 -11.88 -21.87 3.07
N THR B 117 -10.76 -22.57 3.00
CA THR B 117 -10.79 -23.86 2.29
C THR B 117 -11.66 -24.87 3.01
N MET B 118 -11.61 -24.89 4.34
CA MET B 118 -12.42 -25.83 5.09
C MET B 118 -13.90 -25.55 4.83
N GLU B 119 -14.70 -26.61 4.69
CA GLU B 119 -16.05 -26.45 4.15
C GLU B 119 -16.95 -25.66 5.08
N ASP B 120 -16.92 -25.93 6.39
CA ASP B 120 -17.83 -25.18 7.26
C ASP B 120 -17.42 -23.73 7.36
N HIS B 121 -16.13 -23.43 7.24
CA HIS B 121 -15.69 -22.04 7.23
C HIS B 121 -16.21 -21.33 6.02
N CYS B 122 -16.19 -22.01 4.88
CA CYS B 122 -16.60 -21.40 3.62
C CYS B 122 -18.08 -21.05 3.61
N SER B 123 -18.93 -21.95 4.11
CA SER B 123 -20.37 -21.69 4.13
C SER B 123 -20.72 -20.49 5.00
N GLN B 124 -20.45 -20.55 6.31
CA GLN B 124 -20.78 -19.42 7.18
C GLN B 124 -20.32 -18.12 6.59
N VAL B 125 -19.19 -18.14 5.89
CA VAL B 125 -18.73 -16.94 5.20
C VAL B 125 -19.66 -16.60 4.06
N PHE B 126 -20.08 -17.60 3.28
CA PHE B 126 -21.02 -17.33 2.20
C PHE B 126 -22.35 -16.82 2.73
N LEU B 127 -22.87 -17.50 3.75
CA LEU B 127 -24.13 -17.08 4.37
C LEU B 127 -24.03 -15.66 4.88
N LYS B 128 -22.99 -15.37 5.68
CA LYS B 128 -22.78 -14.02 6.16
C LYS B 128 -22.71 -13.03 5.00
N MET B 129 -21.84 -13.31 4.03
CA MET B 129 -21.67 -12.36 2.95
C MET B 129 -22.91 -12.20 2.10
N ARG B 130 -23.77 -13.21 2.07
CA ARG B 130 -25.01 -13.09 1.31
C ARG B 130 -25.96 -12.09 1.96
N ARG B 131 -26.11 -12.16 3.29
CA ARG B 131 -27.02 -11.24 3.96
C ARG B 131 -26.57 -9.80 3.82
N ILE B 132 -25.27 -9.58 3.71
CA ILE B 132 -24.75 -8.22 3.63
C ILE B 132 -24.78 -7.70 2.20
N PHE B 133 -24.19 -8.45 1.27
CA PHE B 133 -23.97 -7.95 -0.08
C PHE B 133 -25.05 -8.35 -1.06
N GLY B 134 -25.89 -9.32 -0.71
CA GLY B 134 -26.87 -9.87 -1.62
C GLY B 134 -26.43 -11.21 -2.17
N VAL B 135 -27.26 -11.76 -3.06
CA VAL B 135 -27.00 -13.08 -3.61
C VAL B 135 -25.87 -13.01 -4.62
N PHE B 136 -24.97 -14.00 -4.57
CA PHE B 136 -23.85 -14.12 -5.50
C PHE B 136 -23.42 -15.58 -5.50
N LYS B 137 -22.50 -15.91 -6.40
CA LYS B 137 -22.13 -17.31 -6.62
C LYS B 137 -21.45 -17.88 -5.38
N ASN B 138 -21.93 -19.04 -4.93
CA ASN B 138 -21.42 -19.66 -3.72
C ASN B 138 -20.04 -20.24 -3.93
N PRO B 139 -18.99 -19.64 -3.37
CA PRO B 139 -17.62 -20.12 -3.67
C PRO B 139 -17.30 -21.46 -3.07
N CYS B 140 -18.17 -21.99 -2.19
CA CYS B 140 -17.86 -23.23 -1.51
C CYS B 140 -17.98 -24.42 -2.43
N THR B 141 -18.66 -24.25 -3.56
CA THR B 141 -18.69 -25.29 -4.58
C THR B 141 -17.34 -25.45 -5.26
N SER B 142 -16.53 -24.39 -5.27
CA SER B 142 -15.18 -24.46 -5.81
C SER B 142 -14.33 -25.45 -5.04
N HIS B 143 -13.28 -25.91 -5.69
CA HIS B 143 -12.50 -27.03 -5.20
C HIS B 143 -11.09 -26.58 -4.93
N GLY B 144 -10.47 -27.21 -3.94
CA GLY B 144 -9.12 -26.82 -3.60
C GLY B 144 -9.07 -25.56 -2.77
N LYS B 145 -7.95 -24.85 -2.88
CA LYS B 145 -7.61 -23.82 -1.93
C LYS B 145 -8.34 -22.53 -2.25
N GLN B 146 -8.72 -21.80 -1.21
CA GLN B 146 -9.45 -20.57 -1.47
C GLN B 146 -9.37 -19.67 -0.24
N ASN B 147 -9.19 -18.38 -0.48
CA ASN B 147 -8.95 -17.41 0.57
C ASN B 147 -9.89 -16.23 0.41
N VAL B 148 -10.03 -15.47 1.48
CA VAL B 148 -10.58 -14.13 1.44
C VAL B 148 -9.47 -13.15 1.80
N LEU B 149 -9.21 -12.20 0.92
CA LEU B 149 -8.20 -11.19 1.17
C LEU B 149 -8.86 -9.91 1.66
N ILE B 150 -8.30 -9.31 2.71
CA ILE B 150 -8.91 -8.15 3.36
C ILE B 150 -7.88 -7.04 3.46
N SER B 151 -8.23 -5.88 2.93
CA SER B 151 -7.37 -4.71 2.92
C SER B 151 -8.23 -3.45 2.94
N VAL B 152 -7.57 -2.30 2.93
CA VAL B 152 -8.22 -1.00 2.93
C VAL B 152 -7.98 -0.36 1.57
N SER B 153 -9.00 0.31 1.04
CA SER B 153 -8.87 0.91 -0.27
C SER B 153 -9.55 2.26 -0.29
N ASN B 154 -9.27 3.02 -1.35
CA ASN B 154 -9.94 4.29 -1.55
C ASN B 154 -11.33 4.07 -2.11
N TRP B 155 -12.23 5.00 -1.81
CA TRP B 155 -13.58 4.94 -2.35
C TRP B 155 -13.62 5.75 -3.63
N THR B 156 -13.99 5.10 -4.74
CA THR B 156 -14.09 5.77 -6.03
C THR B 156 -15.51 5.70 -6.58
N ASN B 157 -16.49 5.51 -5.70
CA ASN B 157 -17.91 5.60 -6.03
C ASN B 157 -18.36 4.57 -7.07
N GLN B 158 -17.86 3.35 -6.96
CA GLN B 158 -18.31 2.33 -7.91
C GLN B 158 -19.73 1.87 -7.58
N CYS B 159 -20.06 1.76 -6.30
CA CYS B 159 -21.45 1.57 -5.92
C CYS B 159 -21.97 2.90 -5.41
#